data_7JGX
#
_entry.id   7JGX
#
_entity_poly.entity_id   1
_entity_poly.type   'polypeptide(L)'
_entity_poly.pdbx_seq_one_letter_code
;IFWLFRGKADVAL(NH2)
;
_entity_poly.pdbx_strand_id   A
#
# COMPACT_ATOMS: atom_id res chain seq x y z
N ILE A 1 2.06 -6.59 -7.37
CA ILE A 1 3.07 -5.86 -6.63
C ILE A 1 2.60 -4.44 -6.31
N PHE A 2 2.27 -3.68 -7.35
CA PHE A 2 1.81 -2.31 -7.18
C PHE A 2 0.62 -2.26 -6.21
N TRP A 3 -0.30 -3.19 -6.38
CA TRP A 3 -1.49 -3.25 -5.52
C TRP A 3 -1.09 -3.45 -4.06
N LEU A 4 -0.16 -4.37 -3.83
CA LEU A 4 0.31 -4.66 -2.48
C LEU A 4 1.06 -3.46 -1.89
N PHE A 5 1.92 -2.86 -2.71
CA PHE A 5 2.71 -1.71 -2.28
C PHE A 5 1.80 -0.52 -1.94
N ARG A 6 0.77 -0.32 -2.77
CA ARG A 6 -0.17 0.78 -2.55
C ARG A 6 -1.01 0.54 -1.30
N GLY A 7 -1.43 -0.71 -1.10
CA GLY A 7 -2.23 -1.04 0.05
C GLY A 7 -1.51 -0.79 1.37
N LYS A 8 -0.21 -1.05 1.38
CA LYS A 8 0.60 -0.85 2.57
C LYS A 8 0.67 0.63 2.93
N ALA A 9 0.96 1.45 1.93
CA ALA A 9 1.07 2.90 2.15
C ALA A 9 -0.30 3.50 2.51
N ASP A 10 -1.36 2.96 1.91
CA ASP A 10 -2.70 3.44 2.18
C ASP A 10 -3.00 3.43 3.67
N VAL A 11 -2.51 2.39 4.36
CA VAL A 11 -2.72 2.26 5.80
C VAL A 11 -2.31 3.53 6.53
N ALA A 12 -1.24 4.16 6.06
CA ALA A 12 -0.74 5.38 6.68
C ALA A 12 -1.77 6.50 6.58
N LEU A 13 -1.69 7.45 7.50
CA LEU A 13 -2.62 8.58 7.53
C LEU A 13 -2.08 9.74 6.71
N ILE A 1 2.36 -6.74 -7.04
CA ILE A 1 3.31 -5.94 -6.27
C ILE A 1 2.84 -4.49 -6.16
N PHE A 2 2.22 -4.00 -7.23
CA PHE A 2 1.72 -2.63 -7.26
C PHE A 2 0.62 -2.42 -6.22
N TRP A 3 -0.40 -3.27 -6.27
CA TRP A 3 -1.52 -3.18 -5.33
C TRP A 3 -1.04 -3.35 -3.90
N LEU A 4 -0.12 -4.28 -3.69
CA LEU A 4 0.44 -4.54 -2.37
C LEU A 4 1.15 -3.31 -1.82
N PHE A 5 1.97 -2.70 -2.67
CA PHE A 5 2.73 -1.51 -2.28
C PHE A 5 1.78 -0.34 -1.96
N ARG A 6 0.80 -0.15 -2.83
CA ARG A 6 -0.17 0.93 -2.65
C ARG A 6 -0.98 0.72 -1.37
N GLY A 7 -1.48 -0.50 -1.18
CA GLY A 7 -2.27 -0.81 0.00
C GLY A 7 -1.49 -0.57 1.29
N LYS A 8 -0.29 -1.13 1.37
CA LYS A 8 0.55 -0.98 2.54
C LYS A 8 0.72 0.49 2.91
N ALA A 9 0.89 1.33 1.90
CA ALA A 9 1.06 2.76 2.11
C ALA A 9 -0.26 3.42 2.50
N ASP A 10 -1.35 2.96 1.89
CA ASP A 10 -2.67 3.51 2.17
C ASP A 10 -2.99 3.41 3.66
N VAL A 11 -2.63 2.29 4.26
CA VAL A 11 -2.88 2.08 5.69
C VAL A 11 -2.08 3.06 6.54
N ALA A 12 -0.78 3.10 6.32
CA ALA A 12 0.10 4.01 7.06
C ALA A 12 0.08 3.70 8.55
N LEU A 13 -0.03 2.41 8.87
CA LEU A 13 -0.07 1.98 10.27
C LEU A 13 -1.21 2.65 11.01
N ILE A 1 2.26 -6.49 -7.34
CA ILE A 1 3.24 -5.70 -6.59
C ILE A 1 2.73 -4.29 -6.32
N PHE A 2 2.28 -3.62 -7.38
CA PHE A 2 1.76 -2.26 -7.26
C PHE A 2 0.63 -2.21 -6.23
N TRP A 3 -0.29 -3.17 -6.32
CA TRP A 3 -1.42 -3.23 -5.41
C TRP A 3 -0.94 -3.42 -3.97
N LEU A 4 -0.21 -4.50 -3.71
CA LEU A 4 0.30 -4.79 -2.38
C LEU A 4 1.05 -3.59 -1.82
N PHE A 5 1.84 -2.94 -2.67
CA PHE A 5 2.61 -1.77 -2.24
C PHE A 5 1.70 -0.60 -1.91
N ARG A 6 0.80 -0.28 -2.84
CA ARG A 6 -0.14 0.82 -2.64
C ARG A 6 -0.95 0.62 -1.36
N GLY A 7 -1.37 -0.62 -1.12
CA GLY A 7 -2.16 -0.91 0.07
C GLY A 7 -1.41 -0.58 1.35
N LYS A 8 -0.19 -1.07 1.46
CA LYS A 8 0.63 -0.82 2.65
C LYS A 8 0.77 0.68 2.91
N ALA A 9 0.88 1.46 1.83
CA ALA A 9 1.02 2.90 1.94
C ALA A 9 -0.29 3.54 2.41
N ASP A 10 -1.41 3.08 1.86
CA ASP A 10 -2.72 3.60 2.24
C ASP A 10 -2.92 3.54 3.74
N VAL A 11 -2.82 2.34 4.30
CA VAL A 11 -3.00 2.15 5.75
C VAL A 11 -1.95 2.93 6.53
N ALA A 12 -0.74 3.01 5.98
CA ALA A 12 0.34 3.73 6.64
C ALA A 12 0.10 5.24 6.60
N LEU A 13 -0.18 5.81 7.77
CA LEU A 13 -0.44 7.24 7.88
C LEU A 13 0.77 8.05 7.40
N ILE A 1 3.21 -6.64 -5.51
CA ILE A 1 2.79 -5.89 -6.69
C ILE A 1 2.32 -4.48 -6.30
N PHE A 2 1.96 -3.69 -7.30
CA PHE A 2 1.48 -2.33 -7.07
C PHE A 2 0.33 -2.31 -6.06
N TRP A 3 -0.51 -3.34 -6.13
CA TRP A 3 -1.65 -3.43 -5.23
C TRP A 3 -1.19 -3.55 -3.78
N LEU A 4 -0.11 -4.28 -3.57
CA LEU A 4 0.44 -4.47 -2.23
C LEU A 4 1.20 -3.23 -1.77
N PHE A 5 2.08 -2.74 -2.62
CA PHE A 5 2.87 -1.55 -2.31
C PHE A 5 1.97 -0.37 -1.97
N ARG A 6 0.98 -0.13 -2.83
CA ARG A 6 0.04 0.97 -2.62
C ARG A 6 -0.80 0.75 -1.36
N GLY A 7 -1.35 -0.45 -1.24
CA GLY A 7 -2.17 -0.77 -0.09
C GLY A 7 -1.44 -0.54 1.23
N LYS A 8 -0.25 -1.13 1.35
CA LYS A 8 0.55 -0.99 2.56
C LYS A 8 0.78 0.49 2.90
N ALA A 9 0.94 1.30 1.86
CA ALA A 9 1.17 2.73 2.05
C ALA A 9 -0.13 3.44 2.44
N ASP A 10 -1.23 3.00 1.85
CA ASP A 10 -2.54 3.59 2.13
C ASP A 10 -2.89 3.45 3.60
N VAL A 11 -2.89 2.21 4.09
CA VAL A 11 -3.21 1.93 5.49
C VAL A 11 -2.35 2.77 6.42
N ALA A 12 -1.08 2.93 6.06
CA ALA A 12 -0.15 3.70 6.87
C ALA A 12 -0.69 5.10 7.16
N LEU A 13 -0.80 5.44 8.43
CA LEU A 13 -1.29 6.75 8.84
C LEU A 13 -2.65 7.03 8.19
N ILE A 1 4.28 -5.78 -7.70
CA ILE A 1 3.51 -5.75 -6.46
C ILE A 1 2.97 -4.35 -6.18
N PHE A 2 2.44 -3.71 -7.21
CA PHE A 2 1.89 -2.37 -7.06
C PHE A 2 0.64 -2.38 -6.18
N TRP A 3 -0.30 -3.27 -6.51
CA TRP A 3 -1.54 -3.37 -5.76
C TRP A 3 -1.26 -3.53 -4.26
N LEU A 4 -0.32 -4.42 -3.93
CA LEU A 4 0.04 -4.67 -2.55
C LEU A 4 0.83 -3.50 -1.97
N PHE A 5 1.77 -2.98 -2.76
CA PHE A 5 2.60 -1.86 -2.33
C PHE A 5 1.73 -0.68 -1.90
N ARG A 6 0.84 -0.26 -2.79
CA ARG A 6 -0.05 0.86 -2.50
C ARG A 6 -0.83 0.62 -1.21
N GLY A 7 -1.23 -0.62 -0.99
CA GLY A 7 -1.98 -0.96 0.21
C GLY A 7 -1.28 -0.51 1.47
N LYS A 8 -0.02 -0.93 1.64
CA LYS A 8 0.76 -0.56 2.81
C LYS A 8 0.80 0.95 2.99
N ALA A 9 0.97 1.66 1.87
CA ALA A 9 1.03 3.12 1.91
C ALA A 9 -0.31 3.72 2.35
N ASP A 10 -1.39 3.09 1.92
CA ASP A 10 -2.73 3.55 2.27
C ASP A 10 -2.98 3.42 3.77
N VAL A 11 -2.84 2.20 4.28
CA VAL A 11 -3.04 1.94 5.70
C VAL A 11 -2.12 2.80 6.55
N ALA A 12 -0.90 3.01 6.08
CA ALA A 12 0.08 3.81 6.79
C ALA A 12 0.91 4.65 5.84
N LEU A 13 0.95 5.95 6.08
CA LEU A 13 1.72 6.87 5.24
C LEU A 13 3.21 6.73 5.51
N ILE A 1 2.71 -6.24 -7.60
CA ILE A 1 3.47 -5.53 -6.59
C ILE A 1 2.86 -4.17 -6.29
N PHE A 2 2.33 -3.52 -7.33
CA PHE A 2 1.72 -2.21 -7.17
C PHE A 2 0.57 -2.26 -6.17
N TRP A 3 -0.37 -3.17 -6.40
CA TRP A 3 -1.52 -3.32 -5.51
C TRP A 3 -1.08 -3.57 -4.08
N LEU A 4 0.01 -4.33 -3.93
CA LEU A 4 0.55 -4.64 -2.61
C LEU A 4 1.09 -3.39 -1.92
N PHE A 5 2.08 -2.76 -2.56
CA PHE A 5 2.68 -1.55 -2.03
C PHE A 5 1.63 -0.50 -1.70
N ARG A 6 0.77 -0.21 -2.69
CA ARG A 6 -0.28 0.77 -2.51
C ARG A 6 -1.11 0.48 -1.27
N GLY A 7 -1.49 -0.79 -1.12
CA GLY A 7 -2.29 -1.19 0.03
C GLY A 7 -1.65 -0.80 1.35
N LYS A 8 -0.39 -1.19 1.53
CA LYS A 8 0.34 -0.87 2.75
C LYS A 8 0.48 0.63 2.93
N ALA A 9 0.94 1.31 1.88
CA ALA A 9 1.11 2.75 1.92
C ALA A 9 -0.18 3.46 2.33
N ASP A 10 -1.30 2.97 1.82
CA ASP A 10 -2.60 3.55 2.14
C ASP A 10 -2.86 3.51 3.64
N VAL A 11 -2.43 2.43 4.28
CA VAL A 11 -2.62 2.27 5.72
C VAL A 11 -2.08 3.47 6.48
N ALA A 12 -0.80 3.78 6.24
CA ALA A 12 -0.15 4.91 6.90
C ALA A 12 0.68 5.72 5.91
N LEU A 13 0.23 6.93 5.64
CA LEU A 13 0.93 7.81 4.71
C LEU A 13 2.07 8.54 5.41
N ILE A 1 4.35 -6.26 -6.08
CA ILE A 1 3.15 -5.86 -6.82
C ILE A 1 2.67 -4.48 -6.38
N PHE A 2 2.32 -3.64 -7.34
CA PHE A 2 1.86 -2.30 -7.06
C PHE A 2 0.62 -2.33 -6.15
N TRP A 3 -0.22 -3.32 -6.37
CA TRP A 3 -1.45 -3.47 -5.57
C TRP A 3 -1.11 -3.55 -4.08
N LEU A 4 -0.07 -4.30 -3.76
CA LEU A 4 0.35 -4.46 -2.37
C LEU A 4 1.12 -3.24 -1.89
N PHE A 5 2.00 -2.72 -2.73
CA PHE A 5 2.78 -1.55 -2.40
C PHE A 5 1.89 -0.37 -2.02
N ARG A 6 0.77 -0.24 -2.72
CA ARG A 6 -0.17 0.83 -2.45
C ARG A 6 -1.07 0.49 -1.27
N GLY A 7 -1.50 -0.76 -1.19
CA GLY A 7 -2.35 -1.18 -0.10
C GLY A 7 -1.74 -0.93 1.25
N LYS A 8 -0.43 -1.14 1.35
CA LYS A 8 0.29 -0.92 2.60
C LYS A 8 0.45 0.56 2.89
N ALA A 9 0.86 1.33 1.89
CA ALA A 9 1.05 2.75 2.05
C ALA A 9 -0.26 3.44 2.47
N ASP A 10 -1.36 2.97 1.92
CA ASP A 10 -2.67 3.53 2.24
C ASP A 10 -2.90 3.56 3.74
N VAL A 11 -2.50 2.49 4.42
CA VAL A 11 -2.66 2.38 5.87
C VAL A 11 -1.80 3.43 6.59
N ALA A 12 -0.61 3.67 6.06
CA ALA A 12 0.30 4.64 6.65
C ALA A 12 -0.12 6.07 6.32
N LEU A 13 0.63 7.03 6.82
CA LEU A 13 0.32 8.44 6.57
C LEU A 13 -1.12 8.76 6.92
N ILE A 1 4.31 -6.00 -6.93
CA ILE A 1 2.86 -5.83 -7.03
C ILE A 1 2.45 -4.43 -6.58
N PHE A 2 2.20 -3.56 -7.54
CA PHE A 2 1.80 -2.18 -7.25
C PHE A 2 0.61 -2.15 -6.28
N TRP A 3 -0.29 -3.12 -6.43
CA TRP A 3 -1.46 -3.21 -5.57
C TRP A 3 -1.06 -3.38 -4.12
N LEU A 4 -0.37 -4.48 -3.82
CA LEU A 4 0.08 -4.77 -2.46
C LEU A 4 0.86 -3.59 -1.89
N PHE A 5 1.81 -3.08 -2.67
CA PHE A 5 2.63 -1.95 -2.24
C PHE A 5 1.75 -0.76 -1.85
N ARG A 6 0.83 -0.40 -2.74
CA ARG A 6 -0.07 0.72 -2.48
C ARG A 6 -0.82 0.53 -1.17
N GLY A 7 -1.29 -0.69 -0.93
CA GLY A 7 -2.02 -0.98 0.28
C GLY A 7 -1.23 -0.65 1.54
N LYS A 8 0.07 -0.95 1.51
CA LYS A 8 0.93 -0.68 2.65
C LYS A 8 0.99 0.81 2.95
N ALA A 9 0.98 1.62 1.90
CA ALA A 9 1.03 3.06 2.04
C ALA A 9 -0.34 3.62 2.42
N ASP A 10 -1.39 3.05 1.85
CA ASP A 10 -2.75 3.49 2.13
C ASP A 10 -3.04 3.46 3.63
N VAL A 11 -2.89 2.28 4.23
CA VAL A 11 -3.13 2.13 5.66
C VAL A 11 -2.34 3.16 6.48
N ALA A 12 -1.13 3.46 6.01
CA ALA A 12 -0.28 4.44 6.69
C ALA A 12 -0.71 5.86 6.36
N LEU A 13 -1.57 6.41 7.22
CA LEU A 13 -2.05 7.78 7.02
C LEU A 13 -1.08 8.80 7.60
N ILE A 1 4.78 -5.89 -5.95
CA ILE A 1 3.43 -5.71 -6.49
C ILE A 1 2.88 -4.33 -6.15
N PHE A 2 2.27 -3.69 -7.14
CA PHE A 2 1.69 -2.36 -6.95
C PHE A 2 0.47 -2.42 -6.05
N TRP A 3 -0.39 -3.40 -6.29
CA TRP A 3 -1.61 -3.56 -5.50
C TRP A 3 -1.28 -3.69 -4.01
N LEU A 4 -0.17 -4.38 -3.72
CA LEU A 4 0.25 -4.57 -2.34
C LEU A 4 1.04 -3.37 -1.83
N PHE A 5 1.88 -2.82 -2.69
CA PHE A 5 2.68 -1.65 -2.33
C PHE A 5 1.79 -0.48 -1.94
N ARG A 6 0.86 -0.13 -2.81
CA ARG A 6 -0.05 0.99 -2.56
C ARG A 6 -0.82 0.77 -1.26
N GLY A 7 -1.46 -0.39 -1.14
CA GLY A 7 -2.22 -0.70 0.06
C GLY A 7 -1.39 -0.57 1.32
N LYS A 8 -0.10 -0.92 1.22
CA LYS A 8 0.80 -0.83 2.36
C LYS A 8 0.97 0.61 2.82
N ALA A 9 1.02 1.53 1.87
CA ALA A 9 1.16 2.95 2.18
C ALA A 9 -0.17 3.57 2.58
N ASP A 10 -1.24 3.13 1.93
CA ASP A 10 -2.57 3.65 2.22
C ASP A 10 -2.94 3.42 3.68
N VAL A 11 -2.86 2.18 4.12
CA VAL A 11 -3.17 1.83 5.50
C VAL A 11 -2.38 2.68 6.49
N ALA A 12 -1.14 2.99 6.12
CA ALA A 12 -0.27 3.81 6.96
C ALA A 12 0.85 4.45 6.15
N LEU A 13 0.95 5.76 6.24
CA LEU A 13 1.98 6.51 5.51
C LEU A 13 3.31 6.46 6.26
N ILE A 1 2.14 -6.64 -7.12
CA ILE A 1 3.15 -5.80 -6.48
C ILE A 1 2.58 -4.43 -6.13
N PHE A 2 2.14 -3.69 -7.14
CA PHE A 2 1.56 -2.37 -6.94
C PHE A 2 0.40 -2.42 -5.95
N TRP A 3 -0.38 -3.49 -6.04
CA TRP A 3 -1.53 -3.66 -5.15
C TRP A 3 -1.09 -3.69 -3.69
N LEU A 4 0.06 -4.30 -3.44
CA LEU A 4 0.59 -4.40 -2.08
C LEU A 4 1.28 -3.09 -1.67
N PHE A 5 2.11 -2.56 -2.56
CA PHE A 5 2.82 -1.32 -2.30
C PHE A 5 1.85 -0.20 -1.96
N ARG A 6 0.90 0.06 -2.86
CA ARG A 6 -0.08 1.11 -2.67
C ARG A 6 -0.99 0.79 -1.49
N GLY A 7 -1.56 -0.41 -1.49
CA GLY A 7 -2.45 -0.82 -0.42
C GLY A 7 -1.82 -0.65 0.95
N LYS A 8 -0.58 -1.14 1.10
CA LYS A 8 0.13 -1.04 2.36
C LYS A 8 0.40 0.42 2.72
N ALA A 9 0.88 1.18 1.75
CA ALA A 9 1.18 2.60 1.96
C ALA A 9 -0.05 3.34 2.50
N ASP A 10 -1.20 3.08 1.88
CA ASP A 10 -2.44 3.73 2.29
C ASP A 10 -2.69 3.53 3.78
N VAL A 11 -2.69 2.27 4.22
CA VAL A 11 -2.91 1.94 5.62
C VAL A 11 -1.81 2.52 6.50
N ALA A 12 -0.56 2.26 6.13
CA ALA A 12 0.58 2.75 6.88
C ALA A 12 0.51 2.30 8.34
N LEU A 13 0.11 1.06 8.55
CA LEU A 13 0.01 0.51 9.90
C LEU A 13 1.39 0.26 10.50
N ILE A 1 2.06 -6.82 -6.65
CA ILE A 1 3.17 -5.95 -6.28
C ILE A 1 2.71 -4.50 -6.18
N PHE A 2 2.09 -4.01 -7.25
CA PHE A 2 1.60 -2.63 -7.28
C PHE A 2 0.49 -2.42 -6.27
N TRP A 3 -0.55 -3.24 -6.34
CA TRP A 3 -1.67 -3.15 -5.43
C TRP A 3 -1.22 -3.32 -3.98
N LEU A 4 -0.32 -4.27 -3.76
CA LEU A 4 0.19 -4.54 -2.42
C LEU A 4 0.99 -3.36 -1.90
N PHE A 5 1.97 -2.91 -2.68
CA PHE A 5 2.80 -1.78 -2.29
C PHE A 5 1.95 -0.57 -1.93
N ARG A 6 1.00 -0.25 -2.80
CA ARG A 6 0.11 0.89 -2.57
C ARG A 6 -0.70 0.69 -1.29
N GLY A 7 -1.22 -0.52 -1.09
CA GLY A 7 -1.99 -0.81 0.09
C GLY A 7 -1.23 -0.56 1.37
N LYS A 8 0.05 -0.92 1.36
CA LYS A 8 0.90 -0.74 2.55
C LYS A 8 0.97 0.73 2.95
N ALA A 9 0.98 1.61 1.95
CA ALA A 9 1.04 3.05 2.21
C ALA A 9 -0.34 3.59 2.58
N ASP A 10 -1.36 3.06 1.92
CA ASP A 10 -2.74 3.51 2.17
C ASP A 10 -3.08 3.38 3.66
N VAL A 11 -2.98 2.15 4.18
CA VAL A 11 -3.27 1.90 5.59
C VAL A 11 -2.45 2.81 6.50
N ALA A 12 -1.22 3.07 6.10
CA ALA A 12 -0.33 3.93 6.88
C ALA A 12 -0.74 5.40 6.76
N LEU A 13 0.01 6.27 7.42
CA LEU A 13 -0.28 7.70 7.39
C LEU A 13 -1.70 7.97 7.86
N ILE A 1 2.78 -6.50 -7.24
CA ILE A 1 3.60 -5.70 -6.34
C ILE A 1 3.03 -4.30 -6.17
N PHE A 2 2.47 -3.76 -7.25
CA PHE A 2 1.89 -2.43 -7.22
C PHE A 2 0.73 -2.35 -6.23
N TRP A 3 -0.24 -3.25 -6.39
CA TRP A 3 -1.40 -3.29 -5.50
C TRP A 3 -0.98 -3.46 -4.06
N LEU A 4 0.05 -4.28 -3.84
CA LEU A 4 0.56 -4.52 -2.49
C LEU A 4 1.16 -3.26 -1.90
N PHE A 5 2.02 -2.60 -2.66
CA PHE A 5 2.67 -1.36 -2.21
C PHE A 5 1.63 -0.30 -1.85
N ARG A 6 0.67 -0.10 -2.75
CA ARG A 6 -0.39 0.89 -2.53
C ARG A 6 -1.23 0.51 -1.32
N GLY A 7 -1.56 -0.78 -1.20
CA GLY A 7 -2.36 -1.24 -0.08
C GLY A 7 -1.76 -0.87 1.26
N LYS A 8 -0.54 -1.34 1.51
CA LYS A 8 0.15 -1.05 2.76
C LYS A 8 0.40 0.44 2.92
N ALA A 9 0.71 1.11 1.81
CA ALA A 9 0.97 2.54 1.82
C ALA A 9 -0.23 3.32 2.32
N ASP A 10 -1.42 2.92 1.87
CA ASP A 10 -2.66 3.57 2.29
C ASP A 10 -2.77 3.62 3.80
N VAL A 11 -2.35 2.53 4.45
CA VAL A 11 -2.41 2.46 5.91
C VAL A 11 -1.72 3.65 6.55
N ALA A 12 -0.48 3.89 6.16
CA ALA A 12 0.29 5.01 6.71
C ALA A 12 -0.33 6.35 6.30
N LEU A 13 -0.59 7.19 7.31
CA LEU A 13 -1.18 8.50 7.06
C LEU A 13 -0.12 9.51 6.62
N ILE A 1 2.46 -6.52 -7.15
CA ILE A 1 3.41 -5.65 -6.46
C ILE A 1 2.81 -4.28 -6.18
N PHE A 2 2.41 -3.58 -7.24
CA PHE A 2 1.81 -2.26 -7.11
C PHE A 2 0.66 -2.28 -6.12
N TRP A 3 -0.30 -3.17 -6.34
CA TRP A 3 -1.47 -3.28 -5.47
C TRP A 3 -1.03 -3.45 -4.02
N LEU A 4 0.02 -4.23 -3.80
CA LEU A 4 0.54 -4.46 -2.45
C LEU A 4 1.14 -3.19 -1.87
N PHE A 5 2.03 -2.55 -2.63
CA PHE A 5 2.67 -1.33 -2.20
C PHE A 5 1.64 -0.25 -1.86
N ARG A 6 0.60 -0.19 -2.68
CA ARG A 6 -0.47 0.80 -2.49
C ARG A 6 -1.32 0.44 -1.28
N GLY A 7 -1.53 -0.86 -1.07
CA GLY A 7 -2.34 -1.31 0.05
C GLY A 7 -1.70 -1.01 1.38
N LYS A 8 -0.42 -1.32 1.51
CA LYS A 8 0.32 -1.07 2.74
C LYS A 8 0.59 0.41 2.93
N ALA A 9 0.87 1.11 1.83
CA ALA A 9 1.14 2.53 1.87
C ALA A 9 -0.10 3.32 2.26
N ASP A 10 -1.25 2.88 1.77
CA ASP A 10 -2.52 3.54 2.06
C ASP A 10 -2.72 3.69 3.57
N VAL A 11 -2.67 2.57 4.28
CA VAL A 11 -2.84 2.58 5.74
C VAL A 11 -1.69 3.29 6.42
N ALA A 12 -0.47 3.05 5.93
CA ALA A 12 0.71 3.68 6.49
C ALA A 12 0.79 3.47 7.99
N LEU A 13 0.68 2.22 8.42
CA LEU A 13 0.73 1.87 9.84
C LEU A 13 2.06 2.31 10.46
N ILE A 1 3.22 -6.04 -7.76
CA ILE A 1 3.87 -5.46 -6.59
C ILE A 1 3.21 -4.13 -6.20
N PHE A 2 2.80 -3.37 -7.21
CA PHE A 2 2.16 -2.08 -6.97
C PHE A 2 0.82 -2.25 -6.25
N TRP A 3 0.11 -3.32 -6.59
CA TRP A 3 -1.18 -3.60 -5.98
C TRP A 3 -1.07 -3.62 -4.46
N LEU A 4 -0.25 -4.54 -3.95
CA LEU A 4 -0.05 -4.67 -2.51
C LEU A 4 0.70 -3.47 -1.95
N PHE A 5 1.65 -2.96 -2.72
CA PHE A 5 2.43 -1.81 -2.31
C PHE A 5 1.54 -0.64 -1.96
N ARG A 6 0.47 -0.46 -2.72
CA ARG A 6 -0.47 0.63 -2.49
C ARG A 6 -1.20 0.45 -1.16
N GLY A 7 -1.60 -0.79 -0.88
CA GLY A 7 -2.30 -1.07 0.36
C GLY A 7 -1.49 -0.71 1.58
N LYS A 8 -0.19 -0.96 1.52
CA LYS A 8 0.71 -0.67 2.63
C LYS A 8 0.83 0.83 2.85
N ALA A 9 0.92 1.58 1.75
CA ALA A 9 1.04 3.03 1.84
C ALA A 9 -0.25 3.65 2.36
N ASP A 10 -1.39 3.14 1.90
CA ASP A 10 -2.68 3.65 2.34
C ASP A 10 -2.81 3.61 3.86
N VAL A 11 -2.68 2.42 4.42
CA VAL A 11 -2.77 2.24 5.88
C VAL A 11 -1.71 3.08 6.59
N ALA A 12 -0.51 3.11 6.03
CA ALA A 12 0.59 3.87 6.62
C ALA A 12 1.26 4.77 5.58
N LEU A 13 1.03 6.07 5.68
CA LEU A 13 1.61 7.02 4.75
C LEU A 13 3.12 6.87 4.67
N ILE A 1 4.27 -6.48 -5.55
CA ILE A 1 3.54 -5.86 -6.64
C ILE A 1 2.96 -4.50 -6.22
N PHE A 2 2.84 -3.60 -7.18
CA PHE A 2 2.30 -2.27 -6.91
C PHE A 2 0.96 -2.36 -6.19
N TRP A 3 0.10 -3.26 -6.68
CA TRP A 3 -1.22 -3.45 -6.08
C TRP A 3 -1.12 -3.68 -4.59
N LEU A 4 -0.08 -4.39 -4.17
CA LEU A 4 0.13 -4.69 -2.76
C LEU A 4 0.74 -3.48 -2.04
N PHE A 5 1.69 -2.83 -2.70
CA PHE A 5 2.35 -1.67 -2.12
C PHE A 5 1.34 -0.58 -1.79
N ARG A 6 0.36 -0.41 -2.67
CA ARG A 6 -0.67 0.62 -2.46
C ARG A 6 -1.35 0.43 -1.11
N GLY A 7 -1.74 -0.79 -0.80
CA GLY A 7 -2.39 -1.07 0.46
C GLY A 7 -1.50 -0.77 1.65
N LYS A 8 -0.21 -1.01 1.49
CA LYS A 8 0.76 -0.76 2.57
C LYS A 8 0.93 0.73 2.82
N ALA A 9 0.88 1.52 1.74
CA ALA A 9 1.02 2.97 1.84
C ALA A 9 -0.26 3.60 2.36
N ASP A 10 -1.40 3.09 1.91
CA ASP A 10 -2.69 3.62 2.33
C ASP A 10 -2.79 3.66 3.86
N VAL A 11 -2.62 2.50 4.48
CA VAL A 11 -2.69 2.41 5.94
C VAL A 11 -1.60 3.24 6.60
N ALA A 12 -0.42 3.28 5.97
CA ALA A 12 0.70 4.04 6.49
C ALA A 12 0.40 5.53 6.52
N LEU A 13 0.97 6.23 7.48
CA LEU A 13 0.76 7.66 7.63
C LEU A 13 2.03 8.44 7.33
N ILE A 1 1.95 -6.66 -7.58
CA ILE A 1 2.89 -6.03 -6.65
C ILE A 1 2.43 -4.63 -6.28
N PHE A 2 2.18 -3.81 -7.29
CA PHE A 2 1.75 -2.43 -7.07
C PHE A 2 0.51 -2.40 -6.16
N TRP A 3 -0.36 -3.38 -6.32
CA TRP A 3 -1.57 -3.46 -5.51
C TRP A 3 -1.23 -3.61 -4.03
N LEU A 4 -0.20 -4.40 -3.74
CA LEU A 4 0.23 -4.63 -2.36
C LEU A 4 1.03 -3.43 -1.84
N PHE A 5 1.87 -2.88 -2.69
CA PHE A 5 2.69 -1.73 -2.33
C PHE A 5 1.82 -0.53 -1.94
N ARG A 6 0.94 -0.13 -2.86
CA ARG A 6 0.06 1.00 -2.61
C ARG A 6 -0.75 0.79 -1.33
N GLY A 7 -1.31 -0.41 -1.18
CA GLY A 7 -2.11 -0.71 0.00
C GLY A 7 -1.35 -0.46 1.28
N LYS A 8 -0.12 -0.96 1.36
CA LYS A 8 0.71 -0.79 2.55
C LYS A 8 0.83 0.68 2.92
N ALA A 9 0.92 1.55 1.91
CA ALA A 9 1.03 2.98 2.13
C ALA A 9 -0.32 3.57 2.55
N ASP A 10 -1.38 3.07 1.93
CA ASP A 10 -2.73 3.55 2.23
C ASP A 10 -3.04 3.44 3.72
N VAL A 11 -2.87 2.24 4.26
CA VAL A 11 -3.12 2.00 5.68
C VAL A 11 -2.03 2.62 6.54
N ALA A 12 -0.80 2.59 6.05
CA ALA A 12 0.33 3.15 6.77
C ALA A 12 1.12 4.12 5.89
N LEU A 13 0.70 5.38 5.88
CA LEU A 13 1.36 6.39 5.07
C LEU A 13 2.84 6.46 5.41
N ILE A 1 1.95 -6.84 -7.12
CA ILE A 1 2.91 -6.10 -6.29
C ILE A 1 2.51 -4.64 -6.15
N PHE A 2 1.93 -4.09 -7.21
CA PHE A 2 1.48 -2.69 -7.20
C PHE A 2 0.40 -2.47 -6.15
N TRP A 3 -0.58 -3.36 -6.13
CA TRP A 3 -1.69 -3.27 -5.19
C TRP A 3 -1.18 -3.34 -3.75
N LEU A 4 -0.21 -4.22 -3.51
CA LEU A 4 0.36 -4.39 -2.18
C LEU A 4 1.20 -3.17 -1.79
N PHE A 5 2.11 -2.78 -2.68
CA PHE A 5 2.97 -1.63 -2.43
C PHE A 5 2.15 -0.38 -2.11
N ARG A 6 1.04 -0.22 -2.85
CA ARG A 6 0.16 0.93 -2.65
C ARG A 6 -0.65 0.78 -1.37
N GLY A 7 -1.37 -0.34 -1.26
CA GLY A 7 -2.18 -0.58 -0.08
C GLY A 7 -1.40 -0.44 1.21
N LYS A 8 -0.18 -0.96 1.22
CA LYS A 8 0.68 -0.89 2.40
C LYS A 8 0.84 0.56 2.86
N ALA A 9 0.93 1.48 1.90
CA ALA A 9 1.08 2.89 2.22
C ALA A 9 -0.25 3.51 2.63
N ASP A 10 -1.32 3.12 1.94
CA ASP A 10 -2.65 3.64 2.23
C ASP A 10 -3.01 3.40 3.69
N VAL A 11 -3.00 2.15 4.11
CA VAL A 11 -3.34 1.80 5.48
C VAL A 11 -2.26 2.29 6.45
N ALA A 12 -1.02 2.26 6.00
CA ALA A 12 0.10 2.71 6.82
C ALA A 12 0.18 1.92 8.13
N LEU A 13 0.06 0.61 8.03
CA LEU A 13 0.12 -0.26 9.20
C LEU A 13 1.47 -0.93 9.32
N ILE A 1 1.56 -6.68 -7.99
CA ILE A 1 2.39 -6.30 -6.84
C ILE A 1 2.11 -4.85 -6.43
N PHE A 2 1.85 -4.00 -7.42
CA PHE A 2 1.57 -2.59 -7.16
C PHE A 2 0.40 -2.43 -6.19
N TRP A 3 -0.59 -3.32 -6.33
CA TRP A 3 -1.76 -3.28 -5.47
C TRP A 3 -1.37 -3.39 -4.00
N LEU A 4 -0.43 -4.28 -3.71
CA LEU A 4 0.04 -4.49 -2.36
C LEU A 4 0.97 -3.37 -1.91
N PHE A 5 1.89 -2.99 -2.79
CA PHE A 5 2.84 -1.92 -2.50
C PHE A 5 2.11 -0.66 -2.03
N ARG A 6 1.16 -0.20 -2.83
CA ARG A 6 0.39 0.99 -2.50
C ARG A 6 -0.46 0.76 -1.24
N GLY A 7 -0.98 -0.45 -1.11
CA GLY A 7 -1.79 -0.78 0.05
C GLY A 7 -1.08 -0.52 1.36
N LYS A 8 0.21 -0.84 1.40
CA LYS A 8 1.00 -0.64 2.61
C LYS A 8 0.97 0.81 3.06
N ALA A 9 1.03 1.73 2.09
CA ALA A 9 0.99 3.15 2.38
C ALA A 9 -0.43 3.62 2.68
N ASP A 10 -1.39 3.08 1.94
CA ASP A 10 -2.80 3.44 2.12
C ASP A 10 -3.21 3.28 3.59
N VAL A 11 -3.02 2.08 4.12
CA VAL A 11 -3.37 1.80 5.50
C VAL A 11 -2.68 2.76 6.45
N ALA A 12 -1.45 3.13 6.13
CA ALA A 12 -0.68 4.04 6.96
C ALA A 12 -1.08 5.49 6.69
N LEU A 13 -2.33 5.81 7.01
CA LEU A 13 -2.85 7.17 6.81
C LEU A 13 -2.17 8.16 7.75
N ILE A 1 4.29 -6.44 -5.93
CA ILE A 1 3.14 -5.99 -6.71
C ILE A 1 2.75 -4.56 -6.35
N PHE A 2 2.30 -3.81 -7.34
CA PHE A 2 1.89 -2.43 -7.12
C PHE A 2 0.64 -2.36 -6.24
N TRP A 3 -0.33 -3.21 -6.54
CA TRP A 3 -1.58 -3.25 -5.77
C TRP A 3 -1.29 -3.49 -4.30
N LEU A 4 -0.30 -4.32 -4.00
CA LEU A 4 0.06 -4.63 -2.63
C LEU A 4 0.87 -3.49 -2.02
N PHE A 5 1.85 -2.99 -2.77
CA PHE A 5 2.69 -1.89 -2.29
C PHE A 5 1.85 -0.67 -1.95
N ARG A 6 0.81 -0.42 -2.74
CA ARG A 6 -0.07 0.71 -2.51
C ARG A 6 -0.79 0.59 -1.17
N GLY A 7 -1.31 -0.61 -0.91
CA GLY A 7 -2.02 -0.85 0.35
C GLY A 7 -1.18 -0.52 1.56
N LYS A 8 0.08 -0.94 1.54
CA LYS A 8 0.99 -0.69 2.66
C LYS A 8 1.02 0.80 3.01
N ALA A 9 0.94 1.64 1.98
CA ALA A 9 0.95 3.08 2.18
C ALA A 9 -0.44 3.61 2.54
N ASP A 10 -1.45 3.04 1.90
CA ASP A 10 -2.83 3.45 2.14
C ASP A 10 -3.15 3.41 3.64
N VAL A 11 -2.80 2.30 4.29
CA VAL A 11 -3.06 2.14 5.72
C VAL A 11 -2.25 3.14 6.53
N ALA A 12 -1.04 3.43 6.08
CA ALA A 12 -0.17 4.38 6.76
C ALA A 12 -0.74 5.80 6.69
N LEU A 13 -1.39 6.11 5.57
CA LEU A 13 -1.98 7.44 5.38
C LEU A 13 -3.37 7.50 6.00
N ILE A 1 4.28 -6.41 -5.72
CA ILE A 1 3.16 -6.03 -6.58
C ILE A 1 2.69 -4.61 -6.25
N PHE A 2 2.35 -3.85 -7.30
CA PHE A 2 1.89 -2.47 -7.13
C PHE A 2 0.69 -2.43 -6.19
N TRP A 3 -0.31 -3.25 -6.47
CA TRP A 3 -1.52 -3.29 -5.64
C TRP A 3 -1.17 -3.48 -4.17
N LEU A 4 -0.17 -4.31 -3.92
CA LEU A 4 0.26 -4.59 -2.55
C LEU A 4 0.95 -3.37 -1.95
N PHE A 5 1.90 -2.80 -2.67
CA PHE A 5 2.63 -1.62 -2.20
C PHE A 5 1.66 -0.47 -1.92
N ARG A 6 0.65 -0.33 -2.77
CA ARG A 6 -0.33 0.74 -2.62
C ARG A 6 -1.05 0.62 -1.27
N GLY A 7 -1.51 -0.57 -0.95
CA GLY A 7 -2.20 -0.79 0.31
C GLY A 7 -1.30 -0.54 1.52
N LYS A 8 -0.07 -1.03 1.44
CA LYS A 8 0.89 -0.86 2.52
C LYS A 8 1.02 0.60 2.91
N ALA A 9 1.01 1.48 1.91
CA ALA A 9 1.12 2.92 2.15
C ALA A 9 -0.23 3.52 2.52
N ASP A 10 -1.29 3.01 1.91
CA ASP A 10 -2.64 3.50 2.17
C ASP A 10 -2.93 3.48 3.67
N VAL A 11 -2.85 2.30 4.27
CA VAL A 11 -3.12 2.14 5.69
C VAL A 11 -2.27 3.09 6.52
N ALA A 12 -1.03 3.29 6.07
CA ALA A 12 -0.10 4.19 6.76
C ALA A 12 -0.56 5.64 6.66
N LEU A 13 -1.16 5.99 5.53
CA LEU A 13 -1.64 7.35 5.31
C LEU A 13 -0.50 8.36 5.42
#